data_4IQV
#
_entry.id   4IQV
#
_cell.length_a   46.860
_cell.length_b   84.540
_cell.length_c   122.950
_cell.angle_alpha   90.00
_cell.angle_beta   90.00
_cell.angle_gamma   90.00
#
_symmetry.space_group_name_H-M   'P 21 21 21'
#
loop_
_entity.id
_entity.type
_entity.pdbx_description
1 polymer 'DNA nucleotidylexotransferase'
2 polymer "5'-D(*GP*CP*CP*G)-3'"
3 non-polymer 'SODIUM ION'
4 non-polymer '6-[4-(3-fluorobenzoyl)-1H-pyrrol-2-yl]-2-hydroxy-4-oxohexa-2,5-dienoic acid'
5 water water
#
loop_
_entity_poly.entity_id
_entity_poly.type
_entity_poly.pdbx_seq_one_letter_code
_entity_poly.pdbx_strand_id
1 'polypeptide(L)'
;HMSPSPVPGSQNVPAPAVKKISQYACQRRTTLNNYNQLFTDALDILAENDELRENEGSCLAFMRASSVLKSLPFPITSMK
DTEGIPCLGDKVKSIIEGIIEDGESSEAKAVLNDERYKSFKLFTSVFGVGLKTAEKWFRMGFRTLSKIQSDKSLRFTQMQ
KAGFLYYEDLVSCVNRPEAEAVSMLVKEAVVTFLPDALVTMTGGFRRGKMTGHDVDFLITSPEATEDEEQQLLHKVTDFW
KQQGLLLYCDILESTFEKFKQPSRKVDAADHFQKCFLILKLDHGRVHSEKSGQQEGKGWKAIRVDLVMCPYDRRAFALLG
WTGSRQFERDLRRYATHERKMMLDNHALYDRTKRVFLEAESEEEIFAHLGLDYIEPWERNAMGSSHHHHHHSSGLVPRGS
;
A
2 'polydeoxyribonucleotide' (DG)(DC)(DC)(DG) C
#
loop_
_chem_comp.id
_chem_comp.type
_chem_comp.name
_chem_comp.formula
1FO non-polymer '6-[4-(3-fluorobenzoyl)-1H-pyrrol-2-yl]-2-hydroxy-4-oxohexa-2,5-dienoic acid' 'C17 H12 F N O5'
DC DNA linking 2'-DEOXYCYTIDINE-5'-MONOPHOSPHATE 'C9 H14 N3 O7 P'
DG DNA linking 2'-DEOXYGUANOSINE-5'-MONOPHOSPHATE 'C10 H14 N5 O7 P'
NA non-polymer 'SODIUM ION' 'Na 1'
#
# COMPACT_ATOMS: atom_id res chain seq x y z
N LYS A 19 11.41 20.90 -19.51
CA LYS A 19 11.20 19.54 -20.05
C LYS A 19 9.71 19.11 -19.93
N LYS A 20 9.34 18.03 -20.66
CA LYS A 20 7.96 17.53 -20.68
C LYS A 20 7.73 16.51 -19.56
N ILE A 21 6.66 16.71 -18.77
CA ILE A 21 6.24 15.79 -17.68
C ILE A 21 5.93 14.43 -18.30
N SER A 22 6.61 13.37 -17.80
CA SER A 22 6.41 12.01 -18.31
C SER A 22 5.08 11.47 -17.86
N GLN A 23 4.53 10.55 -18.69
CA GLN A 23 3.27 9.86 -18.40
C GLN A 23 3.49 8.79 -17.30
N TYR A 24 4.77 8.47 -16.99
CA TYR A 24 5.14 7.45 -16.02
C TYR A 24 5.49 8.07 -14.68
N ALA A 25 4.86 7.56 -13.61
CA ALA A 25 5.14 8.01 -12.24
C ALA A 25 6.61 7.78 -11.85
N CYS A 26 7.23 6.71 -12.41
CA CYS A 26 8.65 6.35 -12.15
C CYS A 26 9.64 7.35 -12.81
N GLN A 27 9.15 8.29 -13.66
CA GLN A 27 9.95 9.36 -14.27
C GLN A 27 9.48 10.74 -13.74
N ARG A 28 8.78 10.75 -12.60
CA ARG A 28 8.31 11.99 -11.92
C ARG A 28 8.70 11.91 -10.46
N ARG A 29 8.88 13.07 -9.83
CA ARG A 29 9.17 13.13 -8.40
C ARG A 29 7.89 13.58 -7.74
N THR A 30 7.27 12.70 -6.92
CA THR A 30 5.99 12.99 -6.27
C THR A 30 6.21 13.00 -4.76
N THR A 31 6.25 14.19 -4.19
CA THR A 31 6.51 14.43 -2.77
C THR A 31 5.18 14.69 -2.06
N LEU A 32 5.19 14.68 -0.70
CA LEU A 32 3.97 14.80 0.09
C LEU A 32 3.36 16.25 0.10
N ASN A 33 4.06 17.25 -0.45
CA ASN A 33 3.54 18.59 -0.58
C ASN A 33 2.69 18.64 -1.87
N ASN A 34 1.47 18.14 -1.76
CA ASN A 34 0.52 18.13 -2.86
C ASN A 34 -0.20 19.47 -2.89
N TYR A 35 0.04 20.24 -3.96
CA TYR A 35 -0.57 21.58 -4.15
C TYR A 35 -1.95 21.50 -4.82
N ASN A 36 -2.36 20.29 -5.22
CA ASN A 36 -3.58 20.09 -5.99
C ASN A 36 -4.55 19.12 -5.32
N GLN A 37 -4.58 19.10 -3.96
CA GLN A 37 -5.44 18.23 -3.18
C GLN A 37 -6.94 18.44 -3.51
N LEU A 38 -7.35 19.68 -3.89
CA LEU A 38 -8.73 19.99 -4.29
C LEU A 38 -9.14 19.15 -5.50
N PHE A 39 -8.24 19.03 -6.48
CA PHE A 39 -8.48 18.24 -7.68
C PHE A 39 -8.28 16.75 -7.43
N THR A 40 -7.17 16.35 -6.77
CA THR A 40 -6.84 14.94 -6.55
C THR A 40 -7.76 14.26 -5.55
N ASP A 41 -8.26 14.95 -4.52
CA ASP A 41 -9.20 14.29 -3.61
C ASP A 41 -10.45 13.90 -4.38
N ALA A 42 -10.95 14.78 -5.29
CA ALA A 42 -12.13 14.53 -6.14
C ALA A 42 -11.86 13.39 -7.11
N LEU A 43 -10.71 13.42 -7.81
CA LEU A 43 -10.32 12.38 -8.75
C LEU A 43 -10.13 11.01 -8.04
N ASP A 44 -9.57 10.99 -6.80
CA ASP A 44 -9.39 9.77 -5.99
C ASP A 44 -10.76 9.17 -5.61
N ILE A 45 -11.77 10.01 -5.30
CA ILE A 45 -13.13 9.57 -4.97
C ILE A 45 -13.78 8.94 -6.22
N LEU A 46 -13.63 9.61 -7.38
CA LEU A 46 -14.17 9.13 -8.63
C LEU A 46 -13.53 7.80 -9.05
N ALA A 47 -12.21 7.66 -8.83
CA ALA A 47 -11.48 6.42 -9.13
C ALA A 47 -11.95 5.27 -8.23
N GLU A 48 -12.15 5.55 -6.93
CA GLU A 48 -12.61 4.60 -5.92
C GLU A 48 -14.02 4.10 -6.25
N ASN A 49 -14.90 5.01 -6.71
CA ASN A 49 -16.27 4.67 -7.11
C ASN A 49 -16.26 3.74 -8.33
N ASP A 50 -15.36 3.99 -9.30
CA ASP A 50 -15.23 3.15 -10.50
C ASP A 50 -14.73 1.78 -10.13
N GLU A 51 -13.94 1.67 -9.05
CA GLU A 51 -13.45 0.38 -8.53
C GLU A 51 -14.67 -0.41 -7.97
N LEU A 52 -15.52 0.27 -7.17
CA LEU A 52 -16.76 -0.27 -6.59
C LEU A 52 -17.75 -0.70 -7.67
N ARG A 53 -17.89 0.12 -8.75
CA ARG A 53 -18.81 -0.13 -9.87
C ARG A 53 -18.21 -1.11 -10.91
N GLU A 54 -17.02 -1.72 -10.59
CA GLU A 54 -16.28 -2.69 -11.39
C GLU A 54 -15.88 -2.12 -12.78
N ASN A 55 -15.67 -0.80 -12.86
CA ASN A 55 -15.23 -0.14 -14.09
C ASN A 55 -13.73 0.13 -13.98
N GLU A 56 -12.92 -0.91 -14.24
CA GLU A 56 -11.46 -0.89 -14.15
C GLU A 56 -10.81 0.18 -15.07
N GLY A 57 -11.31 0.33 -16.30
CA GLY A 57 -10.82 1.30 -17.27
C GLY A 57 -10.94 2.75 -16.83
N SER A 58 -12.14 3.16 -16.40
CA SER A 58 -12.41 4.52 -15.93
C SER A 58 -11.65 4.77 -14.61
N CYS A 59 -11.51 3.70 -13.77
CA CYS A 59 -10.76 3.77 -12.52
C CYS A 59 -9.30 4.15 -12.80
N LEU A 60 -8.67 3.41 -13.75
CA LEU A 60 -7.28 3.63 -14.16
C LEU A 60 -7.07 5.06 -14.72
N ALA A 61 -7.99 5.57 -15.56
CA ALA A 61 -7.88 6.90 -16.13
C ALA A 61 -7.88 7.98 -15.05
N PHE A 62 -8.77 7.85 -14.03
CA PHE A 62 -8.81 8.82 -12.92
C PHE A 62 -7.57 8.68 -12.03
N MET A 63 -7.04 7.45 -11.83
CA MET A 63 -5.84 7.25 -10.99
C MET A 63 -4.60 7.89 -11.60
N ARG A 64 -4.45 7.82 -12.93
CA ARG A 64 -3.32 8.36 -13.67
C ARG A 64 -3.35 9.87 -13.68
N ALA A 65 -4.54 10.46 -13.85
CA ALA A 65 -4.76 11.92 -13.82
C ALA A 65 -4.47 12.47 -12.44
N SER A 66 -5.00 11.82 -11.41
CA SER A 66 -4.78 12.23 -10.03
C SER A 66 -3.27 12.17 -9.72
N SER A 67 -2.58 11.08 -10.16
CA SER A 67 -1.15 10.85 -9.94
C SER A 67 -0.30 11.96 -10.54
N VAL A 68 -0.57 12.34 -11.82
CA VAL A 68 0.23 13.37 -12.47
C VAL A 68 0.07 14.74 -11.76
N LEU A 69 -1.16 15.09 -11.32
CA LEU A 69 -1.40 16.36 -10.63
C LEU A 69 -0.67 16.38 -9.29
N LYS A 70 -0.58 15.21 -8.59
CA LYS A 70 0.15 15.07 -7.31
C LYS A 70 1.63 15.42 -7.48
N SER A 71 2.19 15.26 -8.70
CA SER A 71 3.60 15.53 -8.97
C SER A 71 3.92 16.99 -9.18
N LEU A 72 2.89 17.84 -9.44
CA LEU A 72 3.12 19.26 -9.77
C LEU A 72 3.73 20.05 -8.62
N PRO A 73 4.68 20.96 -8.94
CA PRO A 73 5.28 21.82 -7.88
C PRO A 73 4.47 23.10 -7.62
N PHE A 74 3.30 23.23 -8.23
CA PHE A 74 2.45 24.41 -8.09
C PHE A 74 0.96 24.01 -8.18
N PRO A 75 0.01 24.84 -7.65
CA PRO A 75 -1.42 24.49 -7.79
C PRO A 75 -2.01 24.93 -9.12
N ILE A 76 -2.91 24.12 -9.71
CA ILE A 76 -3.65 24.51 -10.91
C ILE A 76 -4.63 25.58 -10.47
N THR A 77 -4.61 26.78 -11.11
CA THR A 77 -5.56 27.86 -10.75
C THR A 77 -6.39 28.31 -11.98
N SER A 78 -6.09 27.75 -13.17
CA SER A 78 -6.77 28.05 -14.43
C SER A 78 -6.58 26.87 -15.38
N MET A 79 -7.45 26.75 -16.39
CA MET A 79 -7.35 25.65 -17.35
C MET A 79 -6.04 25.70 -18.15
N LYS A 80 -5.47 26.92 -18.37
CA LYS A 80 -4.19 27.13 -19.07
C LYS A 80 -3.05 26.40 -18.37
N ASP A 81 -3.11 26.31 -17.03
CA ASP A 81 -2.12 25.59 -16.23
C ASP A 81 -2.05 24.08 -16.56
N THR A 82 -3.09 23.51 -17.22
CA THR A 82 -3.11 22.07 -17.53
C THR A 82 -2.43 21.77 -18.88
N GLU A 83 -2.07 22.81 -19.66
CA GLU A 83 -1.42 22.64 -20.97
C GLU A 83 -0.09 21.90 -20.83
N GLY A 84 0.07 20.88 -21.66
CA GLY A 84 1.29 20.07 -21.66
C GLY A 84 1.37 19.00 -20.60
N ILE A 85 0.34 18.89 -19.73
CA ILE A 85 0.30 17.85 -18.71
C ILE A 85 -0.31 16.57 -19.34
N PRO A 86 0.41 15.41 -19.29
CA PRO A 86 -0.16 14.18 -19.87
C PRO A 86 -1.22 13.57 -18.95
N CYS A 87 -1.92 12.51 -19.41
CA CYS A 87 -2.92 11.74 -18.63
C CYS A 87 -4.16 12.58 -18.24
N LEU A 88 -4.44 13.69 -18.96
CA LEU A 88 -5.60 14.50 -18.67
C LEU A 88 -6.55 14.48 -19.87
N GLY A 89 -7.42 13.46 -19.89
CA GLY A 89 -8.44 13.29 -20.93
C GLY A 89 -9.54 14.34 -20.80
N ASP A 90 -10.48 14.35 -21.77
CA ASP A 90 -11.59 15.31 -21.76
C ASP A 90 -12.50 15.16 -20.52
N LYS A 91 -12.79 13.91 -20.06
CA LYS A 91 -13.60 13.66 -18.85
C LYS A 91 -12.95 14.33 -17.65
N VAL A 92 -11.64 14.08 -17.47
CA VAL A 92 -10.85 14.62 -16.36
C VAL A 92 -10.81 16.16 -16.42
N LYS A 93 -10.61 16.75 -17.63
CA LYS A 93 -10.53 18.20 -17.80
C LYS A 93 -11.84 18.86 -17.44
N SER A 94 -13.00 18.19 -17.71
CA SER A 94 -14.33 18.68 -17.31
C SER A 94 -14.43 18.77 -15.78
N ILE A 95 -13.90 17.76 -15.07
CA ILE A 95 -13.89 17.73 -13.61
C ILE A 95 -13.00 18.88 -13.06
N ILE A 96 -11.79 19.11 -13.65
CA ILE A 96 -10.88 20.17 -13.23
C ILE A 96 -11.55 21.55 -13.41
N GLU A 97 -12.20 21.73 -14.58
CA GLU A 97 -12.92 22.95 -14.97
C GLU A 97 -14.00 23.29 -13.93
N GLY A 98 -14.76 22.27 -13.52
CA GLY A 98 -15.83 22.39 -12.53
C GLY A 98 -15.36 22.80 -11.16
N ILE A 99 -14.19 22.31 -10.74
CA ILE A 99 -13.57 22.62 -9.44
C ILE A 99 -13.04 24.07 -9.49
N ILE A 100 -12.45 24.50 -10.63
CA ILE A 100 -11.96 25.88 -10.81
C ILE A 100 -13.15 26.85 -10.72
N GLU A 101 -14.32 26.44 -11.28
CA GLU A 101 -15.56 27.24 -11.31
C GLU A 101 -16.08 27.66 -9.91
N ASP A 102 -16.28 26.69 -8.97
CA ASP A 102 -16.81 27.04 -7.64
C ASP A 102 -16.09 26.34 -6.43
N GLY A 103 -14.89 25.81 -6.64
CA GLY A 103 -14.09 25.14 -5.62
C GLY A 103 -14.53 23.74 -5.22
N GLU A 104 -15.58 23.21 -5.90
CA GLU A 104 -16.17 21.90 -5.63
C GLU A 104 -16.38 21.08 -6.90
N SER A 105 -16.40 19.76 -6.72
CA SER A 105 -16.68 18.82 -7.79
C SER A 105 -18.08 18.27 -7.57
N SER A 106 -19.03 18.59 -8.48
CA SER A 106 -20.42 18.10 -8.41
C SER A 106 -20.44 16.60 -8.59
N GLU A 107 -19.50 16.07 -9.43
CA GLU A 107 -19.32 14.63 -9.72
C GLU A 107 -18.88 13.87 -8.45
N ALA A 108 -17.85 14.35 -7.76
CA ALA A 108 -17.37 13.73 -6.52
C ALA A 108 -18.40 13.88 -5.40
N LYS A 109 -19.17 15.01 -5.38
CA LYS A 109 -20.23 15.29 -4.38
C LYS A 109 -21.35 14.27 -4.47
N ALA A 110 -21.73 13.92 -5.73
CA ALA A 110 -22.74 12.92 -6.02
C ALA A 110 -22.30 11.53 -5.51
N VAL A 111 -20.99 11.18 -5.68
CA VAL A 111 -20.39 9.91 -5.22
C VAL A 111 -20.42 9.85 -3.67
N LEU A 112 -20.03 10.94 -3.01
CA LEU A 112 -19.98 11.04 -1.55
C LEU A 112 -21.37 10.88 -0.90
N ASN A 113 -22.42 11.23 -1.64
CA ASN A 113 -23.82 11.13 -1.19
C ASN A 113 -24.50 9.84 -1.65
N ASP A 114 -23.85 9.05 -2.51
CA ASP A 114 -24.38 7.79 -3.05
C ASP A 114 -24.40 6.75 -1.94
N GLU A 115 -25.55 6.08 -1.77
CA GLU A 115 -25.76 5.10 -0.70
C GLU A 115 -24.83 3.89 -0.83
N ARG A 116 -24.60 3.38 -2.06
CA ARG A 116 -23.71 2.24 -2.31
C ARG A 116 -22.27 2.61 -1.99
N TYR A 117 -21.81 3.81 -2.43
CA TYR A 117 -20.45 4.25 -2.18
C TYR A 117 -20.20 4.42 -0.68
N LYS A 118 -21.12 5.08 0.05
CA LYS A 118 -21.02 5.28 1.51
C LYS A 118 -20.91 3.96 2.24
N SER A 119 -21.77 2.98 1.88
CA SER A 119 -21.79 1.65 2.48
C SER A 119 -20.50 0.89 2.21
N PHE A 120 -19.98 0.97 0.99
CA PHE A 120 -18.76 0.26 0.63
C PHE A 120 -17.57 0.80 1.39
N LYS A 121 -17.47 2.15 1.54
CA LYS A 121 -16.38 2.78 2.29
C LYS A 121 -16.44 2.41 3.77
N LEU A 122 -17.64 2.46 4.34
CA LEU A 122 -17.87 2.16 5.73
C LEU A 122 -17.61 0.71 6.04
N PHE A 123 -18.17 -0.24 5.26
CA PHE A 123 -18.03 -1.66 5.54
C PHE A 123 -16.61 -2.15 5.33
N THR A 124 -15.93 -1.70 4.25
CA THR A 124 -14.56 -2.15 3.98
C THR A 124 -13.56 -1.52 4.95
N SER A 125 -13.98 -0.53 5.77
CA SER A 125 -13.11 0.08 6.79
C SER A 125 -12.85 -0.94 7.95
N VAL A 126 -13.60 -2.06 7.97
CA VAL A 126 -13.44 -3.17 8.92
C VAL A 126 -12.41 -4.15 8.35
N PHE A 127 -11.44 -4.54 9.17
CA PHE A 127 -10.40 -5.51 8.75
C PHE A 127 -11.10 -6.85 8.55
N GLY A 128 -10.92 -7.42 7.37
CA GLY A 128 -11.54 -8.70 7.00
C GLY A 128 -12.73 -8.58 6.07
N VAL A 129 -13.18 -7.34 5.80
CA VAL A 129 -14.30 -7.05 4.91
C VAL A 129 -13.77 -6.41 3.62
N GLY A 130 -14.02 -7.10 2.51
CA GLY A 130 -13.65 -6.62 1.20
C GLY A 130 -14.86 -6.29 0.38
N LEU A 131 -14.66 -6.11 -0.95
CA LEU A 131 -15.71 -5.75 -1.88
C LEU A 131 -16.91 -6.73 -1.89
N LYS A 132 -16.67 -8.06 -1.90
CA LYS A 132 -17.74 -9.06 -1.95
C LYS A 132 -18.62 -9.07 -0.69
N THR A 133 -18.01 -9.03 0.53
CA THR A 133 -18.79 -9.02 1.78
C THR A 133 -19.55 -7.67 1.94
N ALA A 134 -18.92 -6.53 1.55
CA ALA A 134 -19.54 -5.22 1.61
C ALA A 134 -20.78 -5.17 0.69
N GLU A 135 -20.69 -5.82 -0.49
CA GLU A 135 -21.78 -5.89 -1.46
C GLU A 135 -22.91 -6.73 -0.93
N LYS A 136 -22.57 -7.85 -0.32
CA LYS A 136 -23.49 -8.80 0.28
C LYS A 136 -24.32 -8.12 1.37
N TRP A 137 -23.65 -7.40 2.30
CA TRP A 137 -24.34 -6.74 3.40
C TRP A 137 -25.25 -5.63 2.92
N PHE A 138 -24.82 -4.88 1.89
CA PHE A 138 -25.60 -3.79 1.30
C PHE A 138 -26.87 -4.34 0.70
N ARG A 139 -26.78 -5.43 -0.07
CA ARG A 139 -27.93 -6.07 -0.70
C ARG A 139 -28.86 -6.72 0.33
N MET A 140 -28.38 -6.91 1.55
CA MET A 140 -29.17 -7.49 2.63
C MET A 140 -29.93 -6.39 3.37
N GLY A 141 -29.60 -5.14 3.07
CA GLY A 141 -30.25 -3.97 3.63
C GLY A 141 -29.51 -3.33 4.78
N PHE A 142 -28.25 -3.75 5.07
CA PHE A 142 -27.46 -3.15 6.15
C PHE A 142 -26.87 -1.85 5.72
N ARG A 143 -26.85 -0.86 6.63
CA ARG A 143 -26.25 0.42 6.31
C ARG A 143 -25.26 0.91 7.39
N THR A 144 -25.30 0.30 8.59
CA THR A 144 -24.44 0.74 9.68
C THR A 144 -23.70 -0.44 10.29
N LEU A 145 -22.49 -0.16 10.84
CA LEU A 145 -21.67 -1.19 11.46
C LEU A 145 -22.33 -1.71 12.74
N SER A 146 -23.07 -0.82 13.49
CA SER A 146 -23.77 -1.23 14.70
C SER A 146 -24.80 -2.34 14.41
N LYS A 147 -25.58 -2.17 13.31
CA LYS A 147 -26.60 -3.15 12.90
C LYS A 147 -25.95 -4.46 12.42
N ILE A 148 -24.74 -4.39 11.78
CA ILE A 148 -24.05 -5.57 11.31
C ILE A 148 -23.54 -6.40 12.50
N GLN A 149 -22.77 -5.77 13.41
CA GLN A 149 -22.16 -6.39 14.61
C GLN A 149 -23.12 -7.05 15.54
N SER A 150 -24.32 -6.44 15.72
CA SER A 150 -25.32 -6.93 16.66
C SER A 150 -26.26 -7.94 16.02
N ASP A 151 -26.19 -8.16 14.70
CA ASP A 151 -27.07 -9.13 14.02
C ASP A 151 -26.79 -10.54 14.53
N LYS A 152 -27.84 -11.32 14.85
CA LYS A 152 -27.66 -12.65 15.41
C LYS A 152 -27.67 -13.73 14.34
N SER A 153 -27.97 -13.36 13.07
CA SER A 153 -28.00 -14.35 11.98
C SER A 153 -26.71 -14.38 11.18
N LEU A 154 -26.01 -13.24 11.09
CA LEU A 154 -24.74 -13.11 10.36
C LEU A 154 -23.65 -13.99 10.97
N ARG A 155 -22.78 -14.56 10.10
CA ARG A 155 -21.64 -15.34 10.52
C ARG A 155 -20.38 -14.62 10.08
N PHE A 156 -19.46 -14.37 11.02
CA PHE A 156 -18.25 -13.63 10.68
C PHE A 156 -17.03 -14.51 10.63
N THR A 157 -16.09 -14.20 9.71
CA THR A 157 -14.79 -14.88 9.60
C THR A 157 -13.92 -14.46 10.79
N GLN A 158 -12.87 -15.22 11.11
CA GLN A 158 -11.99 -14.89 12.23
C GLN A 158 -11.30 -13.52 12.03
N MET A 159 -10.97 -13.16 10.76
CA MET A 159 -10.40 -11.87 10.38
C MET A 159 -11.38 -10.73 10.70
N GLN A 160 -12.69 -10.89 10.35
CA GLN A 160 -13.76 -9.91 10.60
C GLN A 160 -14.05 -9.74 12.10
N LYS A 161 -14.00 -10.83 12.89
CA LYS A 161 -14.19 -10.81 14.34
C LYS A 161 -13.16 -9.92 14.96
N ALA A 162 -11.87 -10.07 14.53
CA ALA A 162 -10.75 -9.22 14.96
C ALA A 162 -10.96 -7.79 14.48
N GLY A 163 -11.40 -7.63 13.23
CA GLY A 163 -11.69 -6.33 12.64
C GLY A 163 -12.72 -5.52 13.43
N PHE A 164 -13.78 -6.20 13.94
CA PHE A 164 -14.81 -5.57 14.75
C PHE A 164 -14.35 -5.33 16.19
N LEU A 165 -13.66 -6.31 16.80
CA LEU A 165 -13.19 -6.23 18.18
C LEU A 165 -12.21 -5.07 18.39
N TYR A 166 -11.30 -4.83 17.42
CA TYR A 166 -10.27 -3.79 17.53
C TYR A 166 -10.53 -2.64 16.55
N TYR A 167 -11.81 -2.45 16.08
CA TYR A 167 -12.19 -1.44 15.09
C TYR A 167 -11.71 -0.02 15.38
N GLU A 168 -12.04 0.53 16.58
CA GLU A 168 -11.68 1.91 16.94
C GLU A 168 -10.17 2.16 16.88
N ASP A 169 -9.36 1.19 17.38
CA ASP A 169 -7.91 1.31 17.36
C ASP A 169 -7.40 1.27 15.93
N LEU A 170 -7.89 0.33 15.11
CA LEU A 170 -7.45 0.16 13.74
C LEU A 170 -7.86 1.33 12.83
N VAL A 171 -9.02 1.96 13.11
CA VAL A 171 -9.50 3.06 12.26
C VAL A 171 -8.77 4.37 12.60
N SER A 172 -8.16 4.47 13.81
CA SER A 172 -7.36 5.64 14.19
C SER A 172 -5.99 5.49 13.49
N CYS A 173 -5.49 6.55 12.94
CA CYS A 173 -4.25 6.44 12.21
C CYS A 173 -3.04 6.03 13.11
N VAL A 174 -2.17 5.15 12.57
CA VAL A 174 -0.91 4.80 13.22
C VAL A 174 0.01 6.01 12.97
N ASN A 175 0.62 6.58 14.02
CA ASN A 175 1.51 7.72 13.83
C ASN A 175 2.97 7.23 13.83
N ARG A 176 3.96 8.12 13.61
CA ARG A 176 5.37 7.77 13.53
C ARG A 176 5.89 7.21 14.87
N PRO A 177 5.60 7.83 16.07
CA PRO A 177 6.07 7.23 17.33
C PRO A 177 5.57 5.77 17.53
N GLU A 178 4.31 5.48 17.12
CA GLU A 178 3.76 4.12 17.17
C GLU A 178 4.47 3.20 16.17
N ALA A 179 4.70 3.66 14.92
CA ALA A 179 5.41 2.88 13.91
C ALA A 179 6.83 2.52 14.40
N GLU A 180 7.50 3.49 15.04
CA GLU A 180 8.84 3.25 15.56
C GLU A 180 8.82 2.28 16.74
N ALA A 181 7.76 2.32 17.57
CA ALA A 181 7.62 1.43 18.72
C ALA A 181 7.46 0.01 18.24
N VAL A 182 6.65 -0.18 17.17
CA VAL A 182 6.43 -1.46 16.50
C VAL A 182 7.76 -1.94 15.89
N SER A 183 8.56 -1.04 15.24
CA SER A 183 9.86 -1.39 14.66
C SER A 183 10.82 -1.98 15.69
N MET A 184 10.84 -1.41 16.88
CA MET A 184 11.64 -1.89 18.00
C MET A 184 11.23 -3.30 18.40
N LEU A 185 9.91 -3.56 18.52
CA LEU A 185 9.35 -4.87 18.86
C LEU A 185 9.72 -5.91 17.80
N VAL A 186 9.55 -5.57 16.49
CA VAL A 186 9.85 -6.45 15.35
C VAL A 186 11.33 -6.82 15.39
N LYS A 187 12.22 -5.80 15.48
CA LYS A 187 13.68 -5.99 15.51
C LYS A 187 14.11 -6.86 16.70
N GLU A 188 13.58 -6.56 17.92
CA GLU A 188 13.90 -7.33 19.14
C GLU A 188 13.54 -8.81 18.99
N ALA A 189 12.35 -9.11 18.43
CA ALA A 189 11.88 -10.47 18.22
C ALA A 189 12.70 -11.20 17.15
N VAL A 190 12.91 -10.55 15.99
CA VAL A 190 13.61 -11.12 14.84
C VAL A 190 15.07 -11.53 15.19
N VAL A 191 15.86 -10.60 15.79
CA VAL A 191 17.28 -10.82 16.14
C VAL A 191 17.44 -11.92 17.21
N THR A 192 16.39 -12.22 18.00
CA THR A 192 16.40 -13.30 19.00
C THR A 192 16.65 -14.66 18.30
N PHE A 193 16.09 -14.84 17.08
CA PHE A 193 16.18 -16.10 16.32
C PHE A 193 17.20 -16.02 15.17
N LEU A 194 17.32 -14.86 14.50
CA LEU A 194 18.29 -14.60 13.41
C LEU A 194 19.06 -13.30 13.73
N PRO A 195 20.19 -13.36 14.48
CA PRO A 195 20.87 -12.11 14.86
C PRO A 195 21.48 -11.33 13.69
N ASP A 196 21.70 -11.96 12.51
CA ASP A 196 22.26 -11.27 11.35
C ASP A 196 21.17 -10.64 10.44
N ALA A 197 19.89 -10.77 10.80
CA ALA A 197 18.78 -10.30 9.99
C ALA A 197 18.71 -8.78 9.90
N LEU A 198 18.31 -8.32 8.69
CA LEU A 198 18.10 -6.91 8.37
C LEU A 198 16.61 -6.69 8.30
N VAL A 199 16.09 -5.77 9.13
CA VAL A 199 14.67 -5.43 9.19
C VAL A 199 14.49 -3.99 8.68
N THR A 200 13.64 -3.79 7.66
CA THR A 200 13.39 -2.48 7.08
C THR A 200 11.91 -2.12 7.10
N MET A 201 11.57 -0.91 7.62
CA MET A 201 10.19 -0.43 7.58
C MET A 201 9.93 0.04 6.15
N THR A 202 8.87 -0.48 5.52
CA THR A 202 8.53 -0.16 4.13
C THR A 202 7.20 0.64 4.09
N GLY A 203 6.46 0.54 2.98
CA GLY A 203 5.20 1.24 2.75
C GLY A 203 5.28 2.74 2.90
N GLY A 204 4.16 3.37 3.23
CA GLY A 204 4.01 4.81 3.40
C GLY A 204 5.01 5.49 4.30
N PHE A 205 5.32 4.87 5.46
CA PHE A 205 6.26 5.43 6.44
C PHE A 205 7.66 5.58 5.85
N ARG A 206 8.07 4.65 4.97
CA ARG A 206 9.36 4.74 4.27
C ARG A 206 9.31 5.87 3.25
N ARG A 207 8.15 6.20 2.72
CA ARG A 207 7.98 7.29 1.77
C ARG A 207 7.83 8.66 2.47
N GLY A 208 7.96 8.69 3.81
CA GLY A 208 7.88 9.92 4.60
C GLY A 208 6.52 10.31 5.17
N LYS A 209 5.52 9.42 5.09
CA LYS A 209 4.21 9.70 5.61
C LYS A 209 4.22 9.83 7.13
N MET A 210 3.36 10.73 7.64
CA MET A 210 3.19 10.98 9.06
C MET A 210 2.32 9.93 9.71
N THR A 211 1.42 9.34 8.91
CA THR A 211 0.46 8.32 9.38
C THR A 211 0.35 7.19 8.38
N GLY A 212 -0.33 6.13 8.78
CA GLY A 212 -0.61 4.95 7.97
C GLY A 212 -1.67 4.11 8.63
N HIS A 213 -2.32 3.19 7.85
CA HIS A 213 -3.35 2.28 8.39
C HIS A 213 -2.69 1.04 9.02
N ASP A 214 -1.41 0.81 8.68
CA ASP A 214 -0.62 -0.32 9.13
C ASP A 214 0.86 0.01 9.10
N VAL A 215 1.72 -0.88 9.63
CA VAL A 215 3.19 -0.75 9.61
C VAL A 215 3.72 -2.00 8.95
N ASP A 216 4.48 -1.82 7.85
CA ASP A 216 5.00 -2.91 7.05
C ASP A 216 6.50 -3.02 7.15
N PHE A 217 7.01 -4.25 7.15
CA PHE A 217 8.42 -4.54 7.30
C PHE A 217 8.89 -5.60 6.34
N LEU A 218 10.16 -5.46 5.90
CA LEU A 218 10.83 -6.42 5.07
C LEU A 218 11.95 -6.98 5.89
N ILE A 219 12.02 -8.31 6.00
CA ILE A 219 13.03 -9.00 6.78
C ILE A 219 13.84 -9.86 5.85
N THR A 220 15.18 -9.79 5.95
CA THR A 220 16.07 -10.63 5.14
C THR A 220 17.30 -10.99 5.96
N SER A 221 17.92 -12.15 5.67
CA SER A 221 19.11 -12.58 6.39
C SER A 221 20.20 -13.11 5.41
N PRO A 222 21.43 -12.54 5.47
CA PRO A 222 22.48 -12.99 4.54
C PRO A 222 22.99 -14.39 4.75
N GLU A 223 22.91 -14.95 5.98
CA GLU A 223 23.42 -16.31 6.22
C GLU A 223 22.34 -17.40 6.49
N ALA A 224 21.05 -17.05 6.63
CA ALA A 224 20.00 -18.03 6.91
C ALA A 224 19.84 -19.06 5.77
N THR A 225 19.51 -20.29 6.13
CA THR A 225 19.21 -21.37 5.18
C THR A 225 17.77 -21.23 4.68
N GLU A 226 17.32 -22.10 3.72
CA GLU A 226 15.93 -22.10 3.21
C GLU A 226 14.96 -22.42 4.35
N ASP A 227 15.35 -23.33 5.27
CA ASP A 227 14.52 -23.73 6.41
C ASP A 227 14.47 -22.62 7.46
N GLU A 228 15.62 -21.99 7.76
CA GLU A 228 15.69 -20.91 8.75
C GLU A 228 14.84 -19.73 8.32
N GLU A 229 14.91 -19.39 7.00
CA GLU A 229 14.13 -18.34 6.35
C GLU A 229 12.64 -18.59 6.52
N GLN A 230 12.23 -19.86 6.37
CA GLN A 230 10.84 -20.29 6.43
C GLN A 230 10.29 -20.24 7.87
N GLN A 231 11.11 -20.60 8.86
CA GLN A 231 10.70 -20.71 10.24
C GLN A 231 10.67 -19.40 11.04
N LEU A 232 11.40 -18.36 10.61
CA LEU A 232 11.47 -17.10 11.36
C LEU A 232 10.10 -16.50 11.73
N LEU A 233 9.18 -16.31 10.77
CA LEU A 233 7.90 -15.70 11.04
C LEU A 233 7.06 -16.56 12.04
N HIS A 234 7.22 -17.89 12.00
CA HIS A 234 6.56 -18.82 12.94
C HIS A 234 7.14 -18.66 14.36
N LYS A 235 8.49 -18.54 14.47
CA LYS A 235 9.18 -18.37 15.73
C LYS A 235 8.83 -17.03 16.41
N VAL A 236 8.84 -15.94 15.61
CA VAL A 236 8.56 -14.58 16.06
C VAL A 236 7.12 -14.44 16.53
N THR A 237 6.15 -15.02 15.80
CA THR A 237 4.74 -14.94 16.16
C THR A 237 4.43 -15.82 17.37
N ASP A 238 5.07 -16.99 17.50
CA ASP A 238 4.87 -17.84 18.69
C ASP A 238 5.40 -17.12 19.95
N PHE A 239 6.52 -16.39 19.82
CA PHE A 239 7.14 -15.62 20.89
C PHE A 239 6.17 -14.53 21.37
N TRP A 240 5.54 -13.80 20.43
CA TRP A 240 4.58 -12.76 20.72
C TRP A 240 3.29 -13.35 21.32
N LYS A 241 2.88 -14.57 20.87
CA LYS A 241 1.71 -15.30 21.37
C LYS A 241 1.92 -15.64 22.85
N GLN A 242 3.15 -16.12 23.20
CA GLN A 242 3.56 -16.44 24.57
C GLN A 242 3.54 -15.19 25.46
N GLN A 243 3.97 -14.03 24.90
CA GLN A 243 4.07 -12.74 25.57
C GLN A 243 2.73 -11.99 25.59
N GLY A 244 1.68 -12.58 25.00
CA GLY A 244 0.33 -12.05 24.98
C GLY A 244 0.15 -10.79 24.16
N LEU A 245 0.98 -10.64 23.10
CA LEU A 245 0.97 -9.47 22.22
C LEU A 245 0.33 -9.75 20.87
N LEU A 246 0.13 -11.04 20.52
CA LEU A 246 -0.45 -11.44 19.25
C LEU A 246 -1.96 -11.49 19.37
N LEU A 247 -2.63 -10.45 18.82
CA LEU A 247 -4.08 -10.31 18.83
C LEU A 247 -4.70 -11.01 17.60
N TYR A 248 -3.97 -11.07 16.47
CA TYR A 248 -4.41 -11.74 15.25
C TYR A 248 -3.19 -12.14 14.48
N CYS A 249 -3.21 -13.31 13.81
CA CYS A 249 -2.09 -13.79 13.01
C CYS A 249 -2.57 -14.70 11.87
N ASP A 250 -2.11 -14.40 10.65
CA ASP A 250 -2.34 -15.20 9.45
C ASP A 250 -1.03 -15.23 8.69
N ILE A 251 -0.37 -16.41 8.63
CA ILE A 251 0.90 -16.56 7.92
C ILE A 251 0.64 -17.22 6.58
N LEU A 252 1.00 -16.54 5.48
CA LEU A 252 0.90 -17.08 4.14
C LEU A 252 2.26 -17.62 3.75
N GLU A 253 2.34 -18.92 3.52
CA GLU A 253 3.60 -19.57 3.13
C GLU A 253 4.04 -19.08 1.77
N SER A 254 5.35 -19.12 1.53
CA SER A 254 5.93 -18.69 0.27
C SER A 254 5.52 -19.59 -0.89
N THR A 255 5.31 -19.01 -2.06
CA THR A 255 5.02 -19.73 -3.30
C THR A 255 6.09 -19.26 -4.34
N PHE A 256 7.17 -18.60 -3.83
CA PHE A 256 8.31 -18.07 -4.59
C PHE A 256 8.97 -19.15 -5.40
N GLU A 257 9.30 -18.83 -6.66
CA GLU A 257 10.00 -19.72 -7.59
C GLU A 257 11.31 -19.06 -8.04
N LYS A 258 12.48 -19.54 -7.56
CA LYS A 258 13.79 -18.95 -7.82
C LYS A 258 14.06 -18.67 -9.31
N PHE A 259 13.64 -19.56 -10.22
CA PHE A 259 13.99 -19.43 -11.63
C PHE A 259 12.80 -19.12 -12.57
N LYS A 260 11.64 -18.69 -12.03
CA LYS A 260 10.51 -18.31 -12.88
C LYS A 260 10.70 -16.85 -13.37
N GLN A 261 10.25 -16.57 -14.61
CA GLN A 261 10.27 -15.23 -15.20
C GLN A 261 9.37 -14.29 -14.35
N PRO A 262 9.67 -12.97 -14.23
CA PRO A 262 8.79 -12.08 -13.47
C PRO A 262 7.40 -11.96 -14.08
N SER A 263 6.43 -11.53 -13.27
CA SER A 263 5.02 -11.38 -13.63
C SER A 263 4.80 -10.45 -14.84
N ARG A 264 3.83 -10.86 -15.69
CA ARG A 264 3.34 -10.17 -16.89
C ARG A 264 2.04 -9.44 -16.53
N LYS A 265 1.39 -9.81 -15.40
CA LYS A 265 0.14 -9.21 -14.87
C LYS A 265 0.27 -7.70 -14.66
N VAL A 266 -0.83 -6.93 -14.84
CA VAL A 266 -0.85 -5.47 -14.66
C VAL A 266 -0.43 -5.10 -13.21
N ASP A 267 -1.05 -5.82 -12.26
CA ASP A 267 -0.84 -5.76 -10.82
C ASP A 267 -0.21 -7.09 -10.41
N ALA A 268 1.11 -7.08 -10.23
CA ALA A 268 1.90 -8.26 -9.86
C ALA A 268 1.63 -8.72 -8.41
N ALA A 269 1.46 -10.05 -8.22
CA ALA A 269 1.28 -10.70 -6.92
C ALA A 269 2.67 -10.98 -6.30
N ASP A 270 2.73 -10.90 -4.96
CA ASP A 270 3.96 -11.17 -4.20
C ASP A 270 3.89 -12.62 -3.68
N HIS A 271 4.88 -13.42 -4.07
CA HIS A 271 4.92 -14.82 -3.71
C HIS A 271 5.81 -15.10 -2.48
N PHE A 272 6.38 -14.04 -1.84
CA PHE A 272 7.21 -14.26 -0.65
C PHE A 272 6.36 -14.64 0.58
N GLN A 273 6.97 -15.34 1.56
CA GLN A 273 6.31 -15.65 2.81
C GLN A 273 5.99 -14.35 3.53
N LYS A 274 4.75 -14.24 4.01
CA LYS A 274 4.32 -13.02 4.71
C LYS A 274 3.28 -13.32 5.79
N CYS A 275 3.07 -12.35 6.68
CA CYS A 275 2.04 -12.51 7.70
C CYS A 275 1.36 -11.18 7.94
N PHE A 276 0.05 -11.28 8.14
CA PHE A 276 -0.87 -10.19 8.43
C PHE A 276 -1.21 -10.32 9.90
N LEU A 277 -0.81 -9.32 10.68
CA LEU A 277 -0.96 -9.37 12.12
C LEU A 277 -1.69 -8.19 12.70
N ILE A 278 -2.14 -8.35 13.94
CA ILE A 278 -2.64 -7.31 14.84
C ILE A 278 -1.83 -7.49 16.13
N LEU A 279 -1.02 -6.50 16.49
CA LEU A 279 -0.20 -6.59 17.69
C LEU A 279 -0.68 -5.65 18.77
N LYS A 280 -0.53 -6.06 20.04
CA LYS A 280 -0.86 -5.27 21.21
C LYS A 280 0.35 -4.35 21.48
N LEU A 281 0.17 -3.02 21.32
CA LEU A 281 1.27 -2.08 21.54
C LEU A 281 1.05 -1.34 22.85
N ASP A 282 1.84 -1.69 23.88
CA ASP A 282 1.74 -1.05 25.20
C ASP A 282 2.14 0.42 25.09
N HIS A 283 1.40 1.32 25.78
CA HIS A 283 1.65 2.76 25.65
C HIS A 283 3.06 3.17 26.17
N GLY A 284 3.63 2.42 27.11
CA GLY A 284 4.96 2.69 27.64
C GLY A 284 6.09 2.50 26.64
N ARG A 285 5.83 1.81 25.54
CA ARG A 285 6.82 1.55 24.49
C ARG A 285 6.86 2.71 23.48
N VAL A 286 5.83 3.59 23.51
CA VAL A 286 5.65 4.71 22.58
C VAL A 286 6.26 5.96 23.18
N HIS A 287 7.27 6.54 22.50
CA HIS A 287 7.95 7.77 22.95
C HIS A 287 7.47 8.94 22.09
N SER A 288 6.32 9.49 22.50
CA SER A 288 5.65 10.57 21.79
C SER A 288 5.58 11.83 22.66
N GLU A 289 4.83 12.83 22.16
CA GLU A 289 4.58 14.11 22.81
C GLU A 289 3.60 13.92 23.97
N LYS A 290 2.66 12.94 23.84
CA LYS A 290 1.69 12.59 24.87
C LYS A 290 2.22 11.44 25.73
N GLU A 295 -5.19 8.05 28.84
CA GLU A 295 -4.47 6.87 28.37
C GLU A 295 -5.47 5.72 28.00
N GLY A 296 -6.46 5.50 28.87
CA GLY A 296 -7.48 4.47 28.70
C GLY A 296 -7.02 3.10 29.16
N LYS A 297 -7.13 2.09 28.27
CA LYS A 297 -6.75 0.69 28.51
C LYS A 297 -5.22 0.51 28.67
N GLY A 298 -4.43 1.46 28.18
CA GLY A 298 -2.97 1.44 28.29
C GLY A 298 -2.24 0.73 27.17
N TRP A 299 -2.96 0.44 26.06
CA TRP A 299 -2.40 -0.21 24.86
C TRP A 299 -3.26 0.13 23.63
N LYS A 300 -2.72 -0.16 22.43
CA LYS A 300 -3.40 0.08 21.16
C LYS A 300 -3.16 -1.09 20.22
N ALA A 301 -4.23 -1.56 19.54
CA ALA A 301 -4.11 -2.61 18.53
C ALA A 301 -3.51 -1.97 17.26
N ILE A 302 -2.47 -2.60 16.68
CA ILE A 302 -1.80 -2.10 15.49
C ILE A 302 -1.71 -3.17 14.42
N ARG A 303 -2.13 -2.83 13.18
CA ARG A 303 -2.02 -3.73 12.03
C ARG A 303 -0.58 -3.72 11.57
N VAL A 304 0.06 -4.89 11.51
CA VAL A 304 1.46 -5.04 11.12
C VAL A 304 1.56 -6.12 10.04
N ASP A 305 2.33 -5.86 8.98
CA ASP A 305 2.63 -6.88 7.98
C ASP A 305 4.11 -7.14 7.94
N LEU A 306 4.52 -8.41 7.93
CA LEU A 306 5.91 -8.80 7.86
C LEU A 306 6.12 -9.63 6.62
N VAL A 307 7.20 -9.35 5.86
CA VAL A 307 7.58 -10.06 4.64
C VAL A 307 9.00 -10.57 4.80
N MET A 308 9.22 -11.87 4.50
CA MET A 308 10.52 -12.51 4.53
C MET A 308 10.93 -12.81 3.10
N CYS A 309 12.13 -12.36 2.69
CA CYS A 309 12.58 -12.63 1.33
C CYS A 309 14.01 -13.18 1.31
N PRO A 310 14.36 -13.97 0.25
CA PRO A 310 15.75 -14.45 0.12
C PRO A 310 16.69 -13.27 0.00
N TYR A 311 17.88 -13.35 0.62
CA TYR A 311 18.84 -12.24 0.64
C TYR A 311 19.14 -11.62 -0.73
N ASP A 312 19.32 -12.45 -1.78
CA ASP A 312 19.67 -11.96 -3.12
C ASP A 312 18.54 -11.16 -3.80
N ARG A 313 17.27 -11.29 -3.32
CA ARG A 313 16.10 -10.57 -3.90
C ARG A 313 15.67 -9.37 -3.04
N ARG A 314 16.46 -9.03 -1.99
CA ARG A 314 16.11 -7.96 -1.06
C ARG A 314 15.85 -6.59 -1.70
N ALA A 315 16.57 -6.23 -2.78
CA ALA A 315 16.36 -4.93 -3.41
C ALA A 315 15.04 -4.88 -4.17
N PHE A 316 14.65 -5.99 -4.83
CA PHE A 316 13.41 -6.07 -5.61
C PHE A 316 12.21 -6.03 -4.68
N ALA A 317 12.31 -6.72 -3.51
CA ALA A 317 11.23 -6.79 -2.52
C ALA A 317 11.06 -5.43 -1.84
N LEU A 318 12.18 -4.78 -1.44
CA LEU A 318 12.19 -3.42 -0.87
C LEU A 318 11.50 -2.41 -1.80
N LEU A 319 11.89 -2.44 -3.09
CA LEU A 319 11.34 -1.59 -4.13
C LEU A 319 9.85 -1.80 -4.26
N GLY A 320 9.41 -3.06 -4.28
CA GLY A 320 8.01 -3.41 -4.41
C GLY A 320 7.17 -2.99 -3.21
N TRP A 321 7.69 -3.23 -1.99
CA TRP A 321 6.97 -2.93 -0.75
C TRP A 321 7.05 -1.47 -0.34
N THR A 322 7.93 -0.66 -0.93
CA THR A 322 8.01 0.76 -0.58
C THR A 322 6.83 1.53 -1.23
N GLY A 323 6.37 1.08 -2.41
CA GLY A 323 5.28 1.69 -3.17
C GLY A 323 5.62 3.08 -3.73
N SER A 324 4.62 3.95 -3.99
CA SER A 324 3.18 3.72 -3.81
C SER A 324 2.66 2.69 -4.82
N ARG A 325 1.35 2.31 -4.74
CA ARG A 325 0.78 1.37 -5.70
C ARG A 325 0.91 1.89 -7.16
N GLN A 326 0.65 3.20 -7.39
CA GLN A 326 0.76 3.83 -8.71
C GLN A 326 2.20 3.89 -9.19
N PHE A 327 3.15 4.15 -8.28
CA PHE A 327 4.58 4.15 -8.65
C PHE A 327 4.99 2.75 -9.12
N GLU A 328 4.54 1.69 -8.42
CA GLU A 328 4.87 0.31 -8.77
C GLU A 328 4.29 -0.07 -10.12
N ARG A 329 2.99 0.27 -10.36
CA ARG A 329 2.31 -0.01 -11.63
C ARG A 329 3.08 0.59 -12.81
N ASP A 330 3.49 1.88 -12.69
CA ASP A 330 4.21 2.60 -13.74
C ASP A 330 5.64 2.10 -13.91
N LEU A 331 6.32 1.68 -12.83
CA LEU A 331 7.66 1.08 -12.90
C LEU A 331 7.64 -0.16 -13.80
N ARG A 332 6.67 -1.05 -13.53
CA ARG A 332 6.52 -2.30 -14.25
C ARG A 332 6.07 -2.04 -15.71
N ARG A 333 5.16 -1.08 -15.94
CA ARG A 333 4.67 -0.69 -17.28
C ARG A 333 5.80 -0.09 -18.11
N TYR A 334 6.62 0.83 -17.52
CA TYR A 334 7.82 1.40 -18.17
C TYR A 334 8.78 0.28 -18.55
N ALA A 335 9.13 -0.63 -17.59
CA ALA A 335 10.05 -1.74 -17.83
C ALA A 335 9.59 -2.57 -19.06
N THR A 336 8.28 -2.88 -19.16
CA THR A 336 7.71 -3.68 -20.24
C THR A 336 7.70 -2.93 -21.58
N HIS A 337 7.00 -1.79 -21.64
CA HIS A 337 6.79 -1.01 -22.85
C HIS A 337 8.00 -0.27 -23.37
N GLU A 338 8.86 0.27 -22.48
CA GLU A 338 10.01 1.05 -22.93
C GLU A 338 11.34 0.27 -23.00
N ARG A 339 11.57 -0.72 -22.12
CA ARG A 339 12.85 -1.42 -22.04
C ARG A 339 12.79 -2.92 -22.43
N LYS A 340 11.56 -3.45 -22.72
CA LYS A 340 11.33 -4.86 -23.01
C LYS A 340 11.94 -5.72 -21.87
N MET A 341 11.75 -5.25 -20.62
CA MET A 341 12.17 -5.89 -19.40
C MET A 341 10.95 -6.27 -18.58
N MET A 342 11.09 -7.30 -17.72
CA MET A 342 10.00 -7.75 -16.86
C MET A 342 10.40 -7.55 -15.40
N LEU A 343 9.67 -6.71 -14.67
CA LEU A 343 10.00 -6.42 -13.28
C LEU A 343 8.88 -6.81 -12.35
N ASP A 344 9.25 -7.33 -11.16
CA ASP A 344 8.27 -7.70 -10.10
C ASP A 344 8.99 -7.63 -8.75
N ASN A 345 8.32 -7.93 -7.64
CA ASN A 345 8.91 -7.89 -6.30
C ASN A 345 10.03 -8.90 -6.10
N HIS A 346 10.20 -9.84 -7.02
CA HIS A 346 11.19 -10.92 -6.87
C HIS A 346 12.40 -10.79 -7.81
N ALA A 347 12.26 -10.14 -8.99
CA ALA A 347 13.34 -10.14 -9.99
C ALA A 347 13.14 -9.14 -11.11
N LEU A 348 14.18 -9.01 -11.96
CA LEU A 348 14.23 -8.19 -13.16
C LEU A 348 14.84 -9.02 -14.29
N TYR A 349 14.05 -9.22 -15.36
CA TYR A 349 14.49 -10.03 -16.50
C TYR A 349 14.54 -9.19 -17.78
N ASP A 350 15.64 -9.32 -18.53
CA ASP A 350 15.91 -8.63 -19.81
C ASP A 350 15.57 -9.60 -20.93
N ARG A 351 14.46 -9.35 -21.65
CA ARG A 351 13.99 -10.22 -22.74
C ARG A 351 14.92 -10.18 -23.98
N THR A 352 15.67 -9.09 -24.18
CA THR A 352 16.58 -8.92 -25.32
C THR A 352 17.88 -9.65 -25.05
N LYS A 353 18.51 -9.41 -23.89
CA LYS A 353 19.76 -10.07 -23.48
C LYS A 353 19.54 -11.50 -22.96
N ARG A 354 18.26 -11.87 -22.69
CA ARG A 354 17.82 -13.20 -22.22
C ARG A 354 18.50 -13.56 -20.88
N VAL A 355 18.63 -12.56 -20.01
CA VAL A 355 19.27 -12.73 -18.72
C VAL A 355 18.50 -12.01 -17.61
N PHE A 356 18.57 -12.61 -16.39
CA PHE A 356 18.09 -11.99 -15.18
C PHE A 356 19.15 -11.02 -14.73
N LEU A 357 18.72 -9.82 -14.33
CA LEU A 357 19.64 -8.77 -13.88
C LEU A 357 19.68 -8.75 -12.35
N GLU A 358 20.90 -8.74 -11.79
CA GLU A 358 21.15 -8.73 -10.34
C GLU A 358 21.16 -7.31 -9.78
N ALA A 359 20.74 -7.14 -8.51
CA ALA A 359 20.76 -5.82 -7.85
C ALA A 359 20.96 -5.95 -6.35
N GLU A 360 21.86 -5.14 -5.80
CA GLU A 360 22.15 -5.17 -4.38
C GLU A 360 21.47 -4.00 -3.66
N SER A 361 20.84 -3.09 -4.44
CA SER A 361 20.18 -1.87 -3.97
C SER A 361 19.12 -1.42 -4.93
N GLU A 362 18.22 -0.53 -4.50
CA GLU A 362 17.18 0.03 -5.38
C GLU A 362 17.81 0.85 -6.51
N GLU A 363 18.91 1.59 -6.20
CA GLU A 363 19.66 2.41 -7.14
C GLU A 363 20.10 1.58 -8.36
N GLU A 364 20.57 0.32 -8.14
CA GLU A 364 21.01 -0.58 -9.22
C GLU A 364 19.84 -1.01 -10.09
N ILE A 365 18.63 -1.18 -9.51
CA ILE A 365 17.42 -1.54 -10.27
C ILE A 365 17.07 -0.36 -11.20
N PHE A 366 17.05 0.89 -10.66
CA PHE A 366 16.77 2.08 -11.44
C PHE A 366 17.78 2.21 -12.57
N ALA A 367 19.10 1.93 -12.30
CA ALA A 367 20.18 2.00 -13.31
C ALA A 367 19.95 1.00 -14.43
N HIS A 368 19.55 -0.25 -14.09
CA HIS A 368 19.26 -1.31 -15.09
C HIS A 368 18.14 -0.89 -16.04
N LEU A 369 17.16 -0.12 -15.52
CA LEU A 369 15.97 0.34 -16.24
C LEU A 369 16.20 1.64 -17.02
N GLY A 370 17.35 2.27 -16.82
CA GLY A 370 17.70 3.52 -17.49
C GLY A 370 16.92 4.69 -16.94
N LEU A 371 16.55 4.63 -15.64
CA LEU A 371 15.80 5.66 -14.92
C LEU A 371 16.66 6.36 -13.93
N ASP A 372 16.50 7.71 -13.78
CA ASP A 372 17.24 8.44 -12.73
C ASP A 372 16.64 8.02 -11.44
N TYR A 373 17.46 7.83 -10.41
CA TYR A 373 16.96 7.38 -9.11
C TYR A 373 15.96 8.35 -8.48
N ILE A 374 14.80 7.80 -8.08
CA ILE A 374 13.71 8.47 -7.39
C ILE A 374 13.78 8.03 -5.93
N GLU A 375 14.02 8.98 -5.01
CA GLU A 375 14.10 8.71 -3.57
C GLU A 375 12.79 8.17 -3.04
N PRO A 376 12.77 7.34 -1.94
CA PRO A 376 11.48 6.80 -1.44
C PRO A 376 10.43 7.89 -1.18
N TRP A 377 10.83 9.04 -0.61
CA TRP A 377 9.90 10.15 -0.35
C TRP A 377 9.40 10.85 -1.62
N GLU A 378 9.95 10.49 -2.80
CA GLU A 378 9.56 11.04 -4.11
C GLU A 378 8.69 10.02 -4.88
N ARG A 379 8.33 8.91 -4.22
CA ARG A 379 7.50 7.87 -4.84
C ARG A 379 6.00 7.93 -4.38
N ASN A 380 5.52 9.08 -3.91
CA ASN A 380 4.16 9.21 -3.43
C ASN A 380 3.15 9.49 -4.59
N ALA A 381 3.26 8.69 -5.68
CA ALA A 381 2.45 8.83 -6.88
C ALA A 381 1.01 8.40 -6.67
NA NA C . -11.29 -3.92 4.74
OAA 1FO D . -0.82 5.06 -1.54
OAB 1FO D . -3.68 5.98 -5.48
OAC 1FO D . 0.76 -0.76 3.09
OAD 1FO D . -4.06 4.08 -4.38
OAE 1FO D . -0.80 5.32 -5.30
FAF 1FO D . 4.77 0.86 6.70
CAG 1FO D . -0.56 2.60 -1.31
CAH 1FO D . 0.82 1.89 -1.36
CAI 1FO D . -1.33 3.77 -3.47
CAJ 1FO D . 1.47 2.65 6.02
CAK 1FO D . 2.72 2.25 6.60
CAL 1FO D . 1.00 2.01 4.86
CAM 1FO D . 1.53 2.42 1.85
CAN 1FO D . 3.02 0.62 4.94
CAO 1FO D . 1.82 0.65 0.60
NAP 1FO D . 1.60 2.82 0.60
CAQ 1FO D . -0.87 3.93 -2.03
CAR 1FO D . -3.24 5.01 -4.76
CAS 1FO D . -1.72 4.97 -4.34
CAT 1FO D . 1.33 0.34 3.07
CAU 1FO D . 3.56 1.23 6.11
CAV 1FO D . 1.41 1.74 -0.16
CAW 1FO D . 1.78 0.97 4.28
CAX 1FO D . 1.57 1.07 1.89
#